data_5EQT
#
_entry.id   5EQT
#
_cell.length_a   114.344
_cell.length_b   46.488
_cell.length_c   56.428
_cell.angle_alpha   90.000
_cell.angle_beta   115.180
_cell.angle_gamma   90.000
#
_symmetry.space_group_name_H-M   'C 1 2 1'
#
loop_
_entity.id
_entity.type
_entity.pdbx_description
1 polymer 'Proteasome-activating nucleotidase'
2 non-polymer "ADENOSINE-5'-DIPHOSPHATE"
3 non-polymer 'ACETATE ION'
4 non-polymer 'SULFATE ION'
5 water water
#
_entity_poly.entity_id   1
_entity_poly.type   'polypeptide(L)'
_entity_poly.pdbx_seq_one_letter_code
;NVTYNDIGGLKKQLQELREAIELPLKHPELFEEVGIDPPKGVLLYGPPGCGKTLMAKALAHEVNATFIRVVGSELVRKYI
GEGARLVHELFELAKEKAPTIIFIDEIDAIGAKRMDETTGGEREVNRTLMQLLAEMDGFDPRGNVKVIAATNRPDILDPA
LLRPGRFDRLIEVPLPDFEGRLEILKVHTRRMKLKGVDLRAIAEMTEGASGADLKAIATEAGMFAIRERRTYVTQEDFLK
AVDKVLGNERKLLQQIT
;
_entity_poly.pdbx_strand_id   A
#
# COMPACT_ATOMS: atom_id res chain seq x y z
N ASN A 1 -2.55 0.09 14.12
CA ASN A 1 -2.61 -1.35 13.97
C ASN A 1 -3.59 -1.73 12.90
N VAL A 2 -3.18 -2.56 11.96
CA VAL A 2 -3.98 -2.81 10.78
C VAL A 2 -4.29 -4.27 10.55
N THR A 3 -5.52 -4.60 10.17
CA THR A 3 -5.88 -5.96 9.88
C THR A 3 -6.62 -6.02 8.56
N TYR A 4 -6.88 -7.21 8.06
CA TYR A 4 -7.58 -7.33 6.79
C TYR A 4 -8.97 -6.67 6.84
N ASN A 5 -9.53 -6.53 8.04
CA ASN A 5 -10.87 -5.96 8.19
C ASN A 5 -10.85 -4.44 8.10
N ASP A 6 -9.67 -3.87 7.97
CA ASP A 6 -9.60 -2.42 7.82
C ASP A 6 -9.48 -2.02 6.35
N ILE A 7 -9.65 -3.00 5.49
CA ILE A 7 -9.42 -2.84 4.08
C ILE A 7 -10.67 -3.14 3.26
N GLY A 8 -11.11 -2.21 2.42
CA GLY A 8 -12.33 -2.48 1.63
C GLY A 8 -12.04 -2.50 0.14
N GLY A 9 -12.82 -3.27 -0.62
CA GLY A 9 -12.75 -3.22 -2.07
C GLY A 9 -11.57 -3.94 -2.72
N LEU A 10 -10.83 -4.70 -1.94
CA LEU A 10 -9.60 -5.30 -2.48
C LEU A 10 -9.57 -6.81 -2.23
N LYS A 11 -10.74 -7.44 -2.22
CA LYS A 11 -10.84 -8.88 -1.94
C LYS A 11 -9.89 -9.77 -2.75
N LYS A 12 -9.89 -9.64 -4.07
CA LYS A 12 -9.01 -10.47 -4.87
C LYS A 12 -7.54 -10.04 -4.80
N GLN A 13 -7.29 -8.78 -4.56
CA GLN A 13 -5.94 -8.29 -4.43
C GLN A 13 -5.28 -8.79 -3.16
N LEU A 14 -6.07 -8.93 -2.12
CA LEU A 14 -5.64 -9.48 -0.86
C LEU A 14 -5.37 -10.95 -0.96
N GLN A 15 -6.26 -11.66 -1.61
CA GLN A 15 -6.06 -13.07 -1.80
C GLN A 15 -4.78 -13.33 -2.55
N GLU A 16 -4.53 -12.57 -3.59
CA GLU A 16 -3.34 -12.69 -4.38
C GLU A 16 -2.08 -12.43 -3.57
N LEU A 17 -2.07 -11.38 -2.80
CA LEU A 17 -0.95 -11.07 -1.91
C LEU A 17 -0.75 -12.18 -0.89
N ARG A 18 -1.86 -12.66 -0.34
CA ARG A 18 -1.83 -13.71 0.65
C ARG A 18 -1.34 -14.99 0.04
N GLU A 19 -1.87 -15.36 -1.10
CA GLU A 19 -1.40 -16.53 -1.78
C GLU A 19 0.10 -16.45 -2.06
N ALA A 20 0.63 -15.27 -2.21
CA ALA A 20 2.03 -15.07 -2.60
C ALA A 20 2.97 -15.05 -1.40
N ILE A 21 2.47 -14.72 -0.23
CA ILE A 21 3.31 -14.63 0.94
C ILE A 21 2.77 -15.37 2.16
N GLU A 22 1.57 -15.07 2.58
CA GLU A 22 1.01 -15.67 3.76
C GLU A 22 0.99 -17.16 3.63
N LEU A 23 0.48 -17.63 2.52
CA LEU A 23 0.33 -19.04 2.25
C LEU A 23 1.65 -19.78 2.31
N PRO A 24 2.67 -19.33 1.60
CA PRO A 24 3.91 -20.08 1.65
C PRO A 24 4.51 -20.04 3.03
N LEU A 25 4.47 -18.89 3.68
CA LEU A 25 5.09 -18.76 4.99
C LEU A 25 4.51 -19.77 5.91
N LYS A 26 3.23 -19.71 6.15
CA LYS A 26 2.65 -20.77 6.91
C LYS A 26 2.90 -22.22 6.71
N HIS A 27 2.48 -22.71 5.56
CA HIS A 27 2.92 -23.95 4.95
C HIS A 27 3.92 -23.85 3.81
N PRO A 28 5.13 -23.44 4.10
CA PRO A 28 6.22 -23.51 3.14
C PRO A 28 6.34 -24.97 2.80
N GLU A 29 6.58 -25.79 3.80
CA GLU A 29 6.45 -27.20 3.57
C GLU A 29 5.27 -27.18 2.63
N LEU A 30 5.25 -28.03 1.62
CA LEU A 30 4.08 -28.05 0.79
C LEU A 30 4.19 -27.17 -0.45
N PHE A 31 5.23 -26.35 -0.50
CA PHE A 31 5.50 -25.58 -1.68
C PHE A 31 6.66 -26.23 -2.37
N GLU A 32 7.62 -26.69 -1.60
CA GLU A 32 8.71 -27.35 -2.24
C GLU A 32 8.18 -28.65 -2.73
N GLU A 33 7.09 -29.10 -2.14
CA GLU A 33 6.57 -30.38 -2.52
C GLU A 33 6.09 -30.32 -3.95
N VAL A 34 6.04 -29.12 -4.50
CA VAL A 34 5.45 -28.98 -5.81
C VAL A 34 6.41 -28.31 -6.75
N GLY A 35 7.54 -27.91 -6.23
CA GLY A 35 8.56 -27.35 -7.07
C GLY A 35 8.49 -25.86 -7.26
N ILE A 36 7.67 -25.18 -6.48
CA ILE A 36 7.52 -23.75 -6.60
C ILE A 36 8.15 -23.02 -5.46
N ASP A 37 9.08 -22.13 -5.73
CA ASP A 37 9.65 -21.32 -4.67
C ASP A 37 8.74 -20.14 -4.37
N PRO A 38 8.54 -19.87 -3.09
CA PRO A 38 7.76 -18.73 -2.67
C PRO A 38 8.43 -17.43 -3.01
N PRO A 39 7.65 -16.53 -3.58
CA PRO A 39 8.13 -15.25 -4.08
C PRO A 39 8.91 -14.47 -3.07
N LYS A 40 9.87 -13.67 -3.52
CA LYS A 40 10.70 -12.87 -2.64
C LYS A 40 10.18 -11.45 -2.52
N GLY A 41 9.75 -10.89 -3.63
CA GLY A 41 9.19 -9.55 -3.66
C GLY A 41 7.84 -9.57 -4.40
N VAL A 42 6.89 -8.83 -3.88
CA VAL A 42 5.67 -8.59 -4.60
C VAL A 42 5.60 -7.12 -4.96
N LEU A 43 5.30 -6.80 -6.19
CA LEU A 43 5.12 -5.40 -6.56
C LEU A 43 3.64 -5.03 -6.60
N LEU A 44 3.26 -4.04 -5.81
CA LEU A 44 1.89 -3.48 -5.81
C LEU A 44 1.95 -2.19 -6.63
N TYR A 45 1.01 -1.99 -7.54
CA TYR A 45 1.02 -0.76 -8.32
C TYR A 45 -0.38 -0.20 -8.56
N GLY A 46 -0.44 1.11 -8.60
CA GLY A 46 -1.66 1.83 -8.82
C GLY A 46 -1.53 3.22 -8.28
N PRO A 47 -2.57 4.01 -8.46
CA PRO A 47 -2.61 5.37 -7.98
C PRO A 47 -2.53 5.42 -6.49
N PRO A 48 -2.15 6.58 -5.99
CA PRO A 48 -1.91 6.82 -4.59
C PRO A 48 -3.15 6.67 -3.75
N GLY A 49 -2.95 6.27 -2.51
CA GLY A 49 -3.99 6.22 -1.53
C GLY A 49 -5.06 5.22 -1.80
N CYS A 50 -4.73 4.11 -2.43
CA CYS A 50 -5.73 3.13 -2.70
C CYS A 50 -5.58 1.81 -1.96
N GLY A 51 -4.67 1.73 -1.00
CA GLY A 51 -4.58 0.56 -0.17
C GLY A 51 -3.31 -0.25 -0.19
N LYS A 52 -2.32 0.19 -0.95
CA LYS A 52 -1.12 -0.59 -1.10
C LYS A 52 -0.39 -0.76 0.22
N THR A 53 -0.12 0.33 0.90
CA THR A 53 0.51 0.25 2.21
C THR A 53 -0.38 -0.52 3.20
N LEU A 54 -1.68 -0.33 3.11
CA LEU A 54 -2.61 -1.04 3.96
C LEU A 54 -2.48 -2.55 3.84
N MET A 55 -2.50 -3.04 2.63
CA MET A 55 -2.37 -4.46 2.41
C MET A 55 -1.09 -4.98 2.99
N ALA A 56 -0.02 -4.24 2.82
CA ALA A 56 1.31 -4.73 3.25
C ALA A 56 1.41 -4.75 4.78
N LYS A 57 0.92 -3.69 5.39
CA LYS A 57 0.82 -3.62 6.83
C LYS A 57 -0.04 -4.72 7.39
N ALA A 58 -1.24 -4.89 6.87
CA ALA A 58 -2.14 -5.89 7.40
C ALA A 58 -1.59 -7.28 7.20
N LEU A 59 -0.93 -7.49 6.07
CA LEU A 59 -0.27 -8.76 5.83
C LEU A 59 0.77 -9.00 6.93
N ALA A 60 1.46 -7.94 7.33
CA ALA A 60 2.53 -8.06 8.33
C ALA A 60 1.99 -8.39 9.72
N HIS A 61 0.85 -7.83 10.04
CA HIS A 61 0.16 -8.14 11.26
C HIS A 61 -0.21 -9.56 11.28
N GLU A 62 -0.79 -10.04 10.20
CA GLU A 62 -1.36 -11.36 10.22
C GLU A 62 -0.36 -12.45 10.26
N VAL A 63 0.88 -12.19 9.91
CA VAL A 63 1.90 -13.23 10.00
C VAL A 63 2.83 -12.94 11.14
N ASN A 64 2.43 -12.01 11.97
CA ASN A 64 3.19 -11.59 13.11
C ASN A 64 4.63 -11.32 12.72
N ALA A 65 4.82 -10.26 11.98
CA ALA A 65 6.15 -9.92 11.48
C ALA A 65 6.45 -8.46 11.71
N THR A 66 7.72 -8.14 11.80
CA THR A 66 8.11 -6.76 11.88
C THR A 66 7.79 -6.12 10.55
N PHE A 67 7.35 -4.87 10.57
CA PHE A 67 7.01 -4.19 9.34
C PHE A 67 7.92 -3.00 9.22
N ILE A 68 8.77 -3.00 8.21
CA ILE A 68 9.71 -1.92 8.05
C ILE A 68 9.40 -1.21 6.76
N ARG A 69 9.15 0.09 6.80
CA ARG A 69 8.82 0.80 5.60
C ARG A 69 9.81 1.90 5.27
N VAL A 70 10.18 1.96 4.02
CA VAL A 70 11.06 2.98 3.59
C VAL A 70 10.53 3.54 2.32
N VAL A 71 10.59 4.83 2.20
CA VAL A 71 10.23 5.57 1.01
C VAL A 71 11.35 5.72 0.00
N GLY A 72 11.10 5.27 -1.22
CA GLY A 72 12.13 5.31 -2.26
C GLY A 72 12.91 6.60 -2.44
N SER A 73 12.23 7.73 -2.28
CA SER A 73 12.87 9.04 -2.49
C SER A 73 14.01 9.27 -1.51
N GLU A 74 13.88 8.72 -0.32
CA GLU A 74 14.87 8.89 0.72
C GLU A 74 16.07 8.00 0.57
N LEU A 75 16.05 7.11 -0.41
CA LEU A 75 17.21 6.33 -0.75
C LEU A 75 18.00 7.01 -1.83
N VAL A 76 17.57 8.17 -2.22
CA VAL A 76 18.34 8.97 -3.13
C VAL A 76 19.11 9.97 -2.32
N ARG A 77 20.42 9.89 -2.39
CA ARG A 77 21.33 10.61 -1.51
C ARG A 77 22.24 11.54 -2.26
N LYS A 78 22.70 12.59 -1.62
CA LYS A 78 23.52 13.59 -2.29
C LYS A 78 24.92 13.01 -2.46
N TYR A 79 25.29 12.13 -1.55
CA TYR A 79 26.66 11.64 -1.46
C TYR A 79 26.88 10.22 -1.89
N ILE A 80 28.04 9.97 -2.45
CA ILE A 80 28.31 8.74 -3.12
C ILE A 80 28.38 7.51 -2.26
N GLY A 81 27.70 6.46 -2.66
CA GLY A 81 27.75 5.21 -1.89
C GLY A 81 26.75 5.12 -0.76
N GLU A 82 26.08 6.22 -0.48
CA GLU A 82 25.15 6.27 0.65
C GLU A 82 23.87 5.51 0.41
N GLY A 83 23.23 5.77 -0.73
CA GLY A 83 22.03 5.04 -1.13
C GLY A 83 22.21 3.54 -0.99
N ALA A 84 23.31 3.03 -1.52
CA ALA A 84 23.60 1.60 -1.45
C ALA A 84 23.78 1.11 -0.01
N ARG A 85 24.38 1.94 0.82
CA ARG A 85 24.68 1.51 2.16
C ARG A 85 23.41 1.33 2.93
N LEU A 86 22.55 2.33 2.86
CA LEU A 86 21.23 2.29 3.46
C LEU A 86 20.44 1.04 3.12
N VAL A 87 20.33 0.71 1.84
CA VAL A 87 19.70 -0.53 1.42
C VAL A 87 20.35 -1.73 2.12
N HIS A 88 21.67 -1.74 2.19
CA HIS A 88 22.34 -2.82 2.87
C HIS A 88 21.94 -2.90 4.31
N GLU A 89 21.99 -1.79 5.00
CA GLU A 89 21.59 -1.74 6.38
C GLU A 89 20.15 -2.10 6.54
N LEU A 90 19.33 -1.69 5.59
CA LEU A 90 17.93 -2.00 5.65
C LEU A 90 17.72 -3.49 5.73
N PHE A 91 18.43 -4.23 4.91
CA PHE A 91 18.23 -5.66 4.91
C PHE A 91 18.82 -6.33 6.12
N GLU A 92 19.88 -5.78 6.67
CA GLU A 92 20.50 -6.35 7.86
C GLU A 92 19.50 -6.25 8.99
N LEU A 93 18.98 -5.06 9.18
CA LEU A 93 17.98 -4.79 10.18
C LEU A 93 16.80 -5.71 10.06
N ALA A 94 16.35 -5.94 8.85
CA ALA A 94 15.20 -6.79 8.61
C ALA A 94 15.51 -8.24 8.96
N LYS A 95 16.78 -8.62 8.87
CA LYS A 95 17.17 -9.93 9.39
C LYS A 95 17.23 -9.88 10.91
N GLU A 96 17.89 -8.88 11.44
CA GLU A 96 17.95 -8.69 12.87
C GLU A 96 16.57 -8.89 13.48
N LYS A 97 15.55 -8.33 12.84
CA LYS A 97 14.21 -8.35 13.39
C LYS A 97 13.30 -9.38 12.79
N ALA A 98 13.86 -10.30 12.05
CA ALA A 98 13.04 -11.31 11.41
C ALA A 98 12.03 -11.81 12.41
N PRO A 99 10.91 -12.28 11.89
CA PRO A 99 10.64 -12.19 10.46
C PRO A 99 10.10 -10.82 10.20
N THR A 100 10.27 -10.36 8.99
CA THR A 100 9.87 -9.03 8.66
C THR A 100 9.33 -8.91 7.26
N ILE A 101 8.47 -7.93 7.09
CA ILE A 101 8.03 -7.50 5.77
C ILE A 101 8.71 -6.16 5.53
N ILE A 102 9.55 -6.10 4.51
CA ILE A 102 10.09 -4.82 4.05
C ILE A 102 9.14 -4.18 3.03
N PHE A 103 8.78 -2.93 3.24
CA PHE A 103 7.86 -2.28 2.32
C PHE A 103 8.51 -1.04 1.77
N ILE A 104 8.90 -1.11 0.51
CA ILE A 104 9.56 -0.03 -0.15
C ILE A 104 8.60 0.77 -1.01
N ASP A 105 8.12 1.88 -0.50
CA ASP A 105 7.21 2.71 -1.25
C ASP A 105 7.99 3.46 -2.29
N GLU A 106 7.29 3.84 -3.34
CA GLU A 106 7.80 4.60 -4.44
C GLU A 106 9.12 4.06 -4.92
N ILE A 107 9.10 2.79 -5.26
CA ILE A 107 10.32 2.10 -5.65
C ILE A 107 10.84 2.62 -7.00
N ASP A 108 9.97 3.31 -7.74
CA ASP A 108 10.36 3.94 -9.00
C ASP A 108 11.52 4.95 -8.86
N ALA A 109 11.63 5.58 -7.69
CA ALA A 109 12.62 6.61 -7.44
C ALA A 109 14.03 6.04 -7.62
N ILE A 110 14.11 4.72 -7.60
CA ILE A 110 15.36 3.98 -7.54
C ILE A 110 15.43 2.96 -8.68
N GLY A 111 14.27 2.48 -9.10
CA GLY A 111 14.20 1.42 -10.10
C GLY A 111 13.89 1.87 -11.51
N ALA A 112 14.10 3.16 -11.77
CA ALA A 112 13.88 3.73 -13.10
C ALA A 112 15.06 3.39 -14.01
N LYS A 113 14.77 3.19 -15.30
CA LYS A 113 15.82 2.96 -16.29
C LYS A 113 16.54 4.26 -16.60
N GLU A 122 22.55 9.96 -10.27
CA GLU A 122 22.15 9.78 -11.66
C GLU A 122 22.39 8.35 -12.11
N ARG A 123 23.61 7.90 -11.91
CA ARG A 123 24.00 6.55 -12.25
C ARG A 123 24.39 5.95 -10.92
N GLU A 124 24.53 6.82 -9.94
CA GLU A 124 24.68 6.45 -8.56
C GLU A 124 23.45 5.65 -8.12
N VAL A 125 22.26 6.19 -8.37
CA VAL A 125 21.04 5.49 -8.02
C VAL A 125 20.95 4.09 -8.62
N ASN A 126 21.60 3.86 -9.75
CA ASN A 126 21.59 2.53 -10.32
C ASN A 126 22.44 1.63 -9.44
N ARG A 127 23.40 2.25 -8.77
CA ARG A 127 24.27 1.55 -7.85
C ARG A 127 23.36 1.08 -6.74
N THR A 128 22.62 2.02 -6.24
CA THR A 128 21.63 1.79 -5.19
C THR A 128 20.69 0.64 -5.59
N LEU A 129 20.21 0.67 -6.82
CA LEU A 129 19.40 -0.40 -7.40
C LEU A 129 20.10 -1.74 -7.43
N MET A 130 21.29 -1.77 -7.99
CA MET A 130 22.07 -2.99 -8.01
C MET A 130 22.19 -3.60 -6.64
N GLN A 131 22.33 -2.76 -5.64
CA GLN A 131 22.44 -3.23 -4.29
C GLN A 131 21.19 -3.97 -3.88
N LEU A 132 20.03 -3.38 -4.12
CA LEU A 132 18.79 -4.01 -3.71
C LEU A 132 18.61 -5.35 -4.40
N LEU A 133 18.87 -5.41 -5.67
CA LEU A 133 18.70 -6.66 -6.38
C LEU A 133 19.70 -7.63 -5.87
N ALA A 134 20.86 -7.13 -5.56
CA ALA A 134 21.87 -7.93 -4.93
C ALA A 134 21.29 -8.50 -3.67
N GLU A 135 20.67 -7.65 -2.87
CA GLU A 135 20.12 -8.10 -1.62
C GLU A 135 19.05 -9.15 -1.80
N MET A 136 18.22 -9.02 -2.81
CA MET A 136 17.20 -10.02 -3.01
C MET A 136 17.85 -11.30 -3.46
N ASP A 137 18.77 -11.18 -4.39
CA ASP A 137 19.58 -12.32 -4.70
C ASP A 137 20.34 -12.52 -3.43
N GLY A 138 20.35 -13.72 -2.90
CA GLY A 138 21.17 -13.92 -1.74
C GLY A 138 20.35 -13.95 -0.49
N PHE A 139 19.15 -13.43 -0.53
CA PHE A 139 18.32 -13.64 0.63
C PHE A 139 17.95 -15.12 0.67
N ASP A 140 17.37 -15.67 -0.38
CA ASP A 140 17.09 -17.09 -0.36
C ASP A 140 15.75 -17.31 0.34
N PRO A 141 14.85 -17.91 -0.40
CA PRO A 141 13.44 -18.01 -0.02
C PRO A 141 13.35 -19.00 1.10
N ARG A 142 12.13 -19.42 1.36
CA ARG A 142 11.80 -20.44 2.33
C ARG A 142 12.15 -20.04 3.75
N GLY A 143 12.60 -18.83 4.04
CA GLY A 143 12.28 -17.58 3.39
C GLY A 143 11.63 -16.84 4.53
N ASN A 144 12.30 -15.88 5.12
CA ASN A 144 11.89 -15.32 6.39
C ASN A 144 11.71 -13.83 6.38
N VAL A 145 12.24 -13.20 5.35
CA VAL A 145 12.12 -11.79 5.16
C VAL A 145 11.56 -11.63 3.77
N LYS A 146 10.51 -10.84 3.66
CA LYS A 146 9.80 -10.68 2.41
C LYS A 146 9.67 -9.23 2.08
N VAL A 147 9.83 -8.88 0.81
CA VAL A 147 9.78 -7.50 0.39
C VAL A 147 8.54 -7.20 -0.42
N ILE A 148 7.97 -6.05 -0.19
CA ILE A 148 6.79 -5.62 -0.93
C ILE A 148 7.15 -4.23 -1.39
N ALA A 149 7.07 -3.99 -2.70
CA ALA A 149 7.34 -2.67 -3.25
C ALA A 149 6.03 -2.10 -3.78
N ALA A 150 5.99 -0.78 -3.93
CA ALA A 150 4.81 -0.11 -4.46
C ALA A 150 5.25 1.05 -5.33
N THR A 151 4.46 1.32 -6.35
CA THR A 151 4.69 2.43 -7.24
C THR A 151 3.41 2.86 -7.90
N ASN A 152 3.32 4.13 -8.23
CA ASN A 152 2.25 4.60 -9.07
C ASN A 152 2.67 4.73 -10.52
N ARG A 153 3.94 4.44 -10.80
CA ARG A 153 4.53 4.61 -12.12
C ARG A 153 5.22 3.33 -12.51
N PRO A 154 4.50 2.25 -12.65
CA PRO A 154 5.16 0.97 -12.84
C PRO A 154 5.84 0.82 -14.17
N ASP A 155 5.36 1.52 -15.16
CA ASP A 155 5.80 1.22 -16.50
C ASP A 155 7.26 1.63 -16.73
N ILE A 156 7.71 2.53 -15.88
CA ILE A 156 9.09 3.04 -15.78
C ILE A 156 10.14 1.94 -15.51
N LEU A 157 9.79 0.97 -14.68
CA LEU A 157 10.80 0.14 -14.00
C LEU A 157 11.76 -0.68 -14.88
N ASP A 158 13.03 -0.68 -14.47
CA ASP A 158 14.02 -1.62 -14.99
C ASP A 158 13.49 -3.04 -14.81
N PRO A 159 13.41 -3.80 -15.92
CA PRO A 159 12.89 -5.16 -15.91
C PRO A 159 13.72 -6.14 -15.08
N ALA A 160 14.94 -5.75 -14.73
CA ALA A 160 15.77 -6.55 -13.83
C ALA A 160 15.16 -6.55 -12.43
N LEU A 161 14.27 -5.60 -12.17
CA LEU A 161 13.48 -5.61 -10.95
C LEU A 161 12.47 -6.74 -10.99
N LEU A 162 12.02 -7.12 -12.18
CA LEU A 162 10.91 -8.06 -12.32
C LEU A 162 11.24 -9.52 -12.63
N ARG A 163 12.49 -9.81 -12.91
CA ARG A 163 12.95 -11.17 -13.17
C ARG A 163 12.59 -12.08 -12.00
N PRO A 164 12.47 -13.40 -12.26
CA PRO A 164 12.13 -14.29 -11.14
C PRO A 164 13.18 -14.23 -10.03
N GLY A 165 12.75 -14.33 -8.77
CA GLY A 165 13.65 -14.18 -7.64
C GLY A 165 13.63 -12.76 -7.10
N ARG A 166 13.07 -11.87 -7.89
CA ARG A 166 12.94 -10.48 -7.51
C ARG A 166 11.48 -10.31 -7.82
N PHE A 167 11.07 -9.09 -8.10
CA PHE A 167 9.68 -8.69 -8.01
C PHE A 167 8.85 -9.45 -9.07
N ASP A 168 8.65 -10.71 -8.72
CA ASP A 168 7.85 -11.67 -9.44
C ASP A 168 6.40 -11.41 -9.64
N ARG A 169 5.65 -11.47 -8.56
CA ARG A 169 4.25 -11.14 -8.60
C ARG A 169 4.02 -9.66 -8.77
N LEU A 170 3.10 -9.29 -9.66
CA LEU A 170 2.64 -7.93 -9.77
C LEU A 170 1.17 -7.98 -9.42
N ILE A 171 0.71 -6.99 -8.68
CA ILE A 171 -0.68 -6.88 -8.35
C ILE A 171 -1.13 -5.46 -8.51
N GLU A 172 -2.13 -5.22 -9.33
CA GLU A 172 -2.64 -3.89 -9.53
C GLU A 172 -3.61 -3.50 -8.44
N VAL A 173 -3.41 -2.35 -7.85
CA VAL A 173 -4.29 -1.88 -6.78
C VAL A 173 -5.01 -0.65 -7.31
N PRO A 174 -6.23 -0.86 -7.88
CA PRO A 174 -6.82 0.26 -8.63
C PRO A 174 -7.58 1.28 -7.79
N LEU A 175 -7.99 2.34 -8.43
CA LEU A 175 -8.94 3.25 -7.86
C LEU A 175 -10.12 2.40 -7.54
N PRO A 176 -10.80 2.65 -6.44
CA PRO A 176 -11.93 1.78 -6.11
C PRO A 176 -13.09 1.98 -7.12
N ASP A 177 -13.67 0.91 -7.65
CA ASP A 177 -14.91 1.10 -8.45
C ASP A 177 -16.10 1.38 -7.54
N PHE A 178 -17.32 1.36 -8.10
CA PHE A 178 -18.51 1.72 -7.32
C PHE A 178 -18.62 0.90 -6.04
N GLU A 179 -18.52 -0.41 -6.15
CA GLU A 179 -18.72 -1.26 -5.01
C GLU A 179 -17.57 -1.19 -4.08
N GLY A 180 -16.36 -1.06 -4.61
CA GLY A 180 -15.22 -0.84 -3.77
C GLY A 180 -15.41 0.34 -2.86
N ARG A 181 -15.86 1.45 -3.44
CA ARG A 181 -16.01 2.65 -2.66
C ARG A 181 -17.01 2.46 -1.55
N LEU A 182 -18.09 1.76 -1.84
CA LEU A 182 -19.09 1.43 -0.85
C LEU A 182 -18.45 0.67 0.26
N GLU A 183 -17.71 -0.38 -0.05
CA GLU A 183 -17.03 -1.13 0.97
C GLU A 183 -16.12 -0.26 1.80
N ILE A 184 -15.36 0.57 1.14
CA ILE A 184 -14.40 1.41 1.85
C ILE A 184 -15.11 2.39 2.76
N LEU A 185 -16.19 2.98 2.25
CA LEU A 185 -16.99 3.90 3.05
C LEU A 185 -17.51 3.23 4.31
N LYS A 186 -17.81 1.97 4.22
CA LYS A 186 -18.29 1.25 5.36
C LYS A 186 -17.18 1.07 6.38
N VAL A 187 -15.99 0.74 5.90
CA VAL A 187 -14.84 0.57 6.78
C VAL A 187 -14.59 1.83 7.64
N HIS A 188 -14.74 3.00 7.05
CA HIS A 188 -14.41 4.21 7.79
C HIS A 188 -15.63 4.92 8.37
N THR A 189 -16.77 4.27 8.37
CA THR A 189 -17.98 4.81 8.99
C THR A 189 -18.61 3.82 9.92
N ARG A 190 -17.94 2.71 10.11
CA ARG A 190 -18.37 1.61 10.98
C ARG A 190 -18.49 2.01 12.44
N ARG A 191 -17.68 2.96 12.86
CA ARG A 191 -17.59 3.32 14.27
C ARG A 191 -18.25 4.66 14.58
N MET A 192 -19.01 5.16 13.62
CA MET A 192 -19.78 6.39 13.81
C MET A 192 -21.22 5.95 13.96
N LYS A 193 -22.09 6.77 14.54
CA LYS A 193 -23.51 6.51 14.34
C LYS A 193 -24.05 7.54 13.35
N LEU A 194 -24.64 7.03 12.30
CA LEU A 194 -25.26 7.87 11.32
C LEU A 194 -26.73 7.56 11.38
N LYS A 195 -27.54 8.44 10.81
CA LYS A 195 -28.96 8.17 10.74
C LYS A 195 -29.56 8.42 9.37
N GLY A 196 -29.29 9.59 8.84
CA GLY A 196 -29.84 9.95 7.55
C GLY A 196 -29.13 9.32 6.35
N VAL A 197 -28.09 8.53 6.62
CA VAL A 197 -27.08 8.24 5.62
C VAL A 197 -27.34 7.05 4.68
N ASP A 198 -27.33 7.34 3.38
CA ASP A 198 -27.33 6.34 2.29
C ASP A 198 -25.93 6.36 1.68
N LEU A 199 -25.19 5.26 1.80
CA LEU A 199 -23.78 5.26 1.39
C LEU A 199 -23.61 4.81 -0.06
N ARG A 200 -24.68 4.30 -0.63
CA ARG A 200 -24.67 3.97 -2.03
C ARG A 200 -24.57 5.25 -2.81
N ALA A 201 -25.38 6.19 -2.42
CA ALA A 201 -25.36 7.55 -2.94
C ALA A 201 -23.98 8.18 -2.82
N ILE A 202 -23.37 8.08 -1.66
CA ILE A 202 -22.06 8.62 -1.49
C ILE A 202 -21.09 7.92 -2.43
N ALA A 203 -21.21 6.61 -2.51
CA ALA A 203 -20.39 5.85 -3.43
C ALA A 203 -20.65 6.25 -4.88
N GLU A 204 -21.89 6.59 -5.20
CA GLU A 204 -22.18 6.96 -6.57
C GLU A 204 -21.58 8.28 -6.95
N MET A 205 -21.51 9.21 -6.02
CA MET A 205 -21.09 10.58 -6.28
C MET A 205 -19.58 10.78 -6.12
N THR A 206 -18.82 9.71 -5.97
CA THR A 206 -17.40 9.84 -5.72
C THR A 206 -16.53 9.12 -6.72
N GLU A 207 -17.02 8.96 -7.94
CA GLU A 207 -16.24 8.30 -8.95
C GLU A 207 -14.89 8.96 -9.01
N GLY A 208 -13.84 8.16 -9.05
CA GLY A 208 -12.48 8.68 -9.21
C GLY A 208 -11.76 8.92 -7.90
N ALA A 209 -12.52 9.00 -6.81
CA ALA A 209 -11.93 9.16 -5.48
C ALA A 209 -10.99 8.00 -5.19
N SER A 210 -10.11 8.20 -4.21
CA SER A 210 -9.23 7.14 -3.76
C SER A 210 -9.71 6.66 -2.40
N GLY A 211 -9.09 5.61 -1.89
CA GLY A 211 -9.42 5.14 -0.58
C GLY A 211 -9.16 6.19 0.45
N ALA A 212 -8.21 7.06 0.19
CA ALA A 212 -7.87 8.07 1.14
C ALA A 212 -8.88 9.17 1.14
N ASP A 213 -9.30 9.59 -0.03
CA ASP A 213 -10.33 10.61 -0.14
C ASP A 213 -11.57 10.19 0.63
N LEU A 214 -11.96 8.94 0.47
CA LEU A 214 -13.13 8.40 1.12
C LEU A 214 -13.01 8.39 2.63
N LYS A 215 -11.83 8.06 3.14
CA LYS A 215 -11.59 8.17 4.56
C LYS A 215 -11.69 9.61 4.96
N ALA A 216 -11.13 10.47 4.16
CA ALA A 216 -11.18 11.89 4.44
C ALA A 216 -12.62 12.41 4.44
N ILE A 217 -13.44 11.86 3.54
CA ILE A 217 -14.85 12.25 3.48
C ILE A 217 -15.59 11.82 4.74
N ALA A 218 -15.35 10.63 5.23
CA ALA A 218 -16.00 10.21 6.45
C ALA A 218 -15.49 11.00 7.61
N THR A 219 -14.25 11.40 7.54
CA THR A 219 -13.66 12.15 8.62
C THR A 219 -14.23 13.56 8.61
N GLU A 220 -14.19 14.21 7.47
CA GLU A 220 -14.81 15.51 7.36
C GLU A 220 -16.29 15.49 7.71
N ALA A 221 -16.95 14.36 7.60
CA ALA A 221 -18.38 14.31 7.86
C ALA A 221 -18.63 14.49 9.31
N GLY A 222 -18.03 13.59 10.08
CA GLY A 222 -18.16 13.57 11.53
C GLY A 222 -17.81 14.89 12.19
N MET A 223 -16.79 15.58 11.68
CA MET A 223 -16.40 16.85 12.26
C MET A 223 -17.43 17.93 11.91
N PHE A 224 -17.96 17.89 10.68
CA PHE A 224 -19.06 18.77 10.31
C PHE A 224 -20.19 18.60 11.28
N ALA A 225 -20.51 17.36 11.61
CA ALA A 225 -21.53 17.15 12.63
C ALA A 225 -21.14 17.84 13.94
N ILE A 226 -19.91 17.62 14.35
CA ILE A 226 -19.44 18.22 15.57
C ILE A 226 -19.60 19.72 15.52
N ARG A 227 -19.07 20.34 14.50
CA ARG A 227 -19.11 21.81 14.41
C ARG A 227 -20.56 22.32 14.44
N GLU A 228 -21.51 21.45 14.12
CA GLU A 228 -22.92 21.78 14.30
C GLU A 228 -23.46 20.95 15.47
N ARG A 229 -22.55 20.54 16.35
CA ARG A 229 -22.85 20.09 17.72
C ARG A 229 -23.72 18.84 17.93
N ARG A 230 -24.00 18.08 16.89
CA ARG A 230 -24.75 16.85 17.11
C ARG A 230 -23.86 15.69 17.46
N THR A 231 -24.48 14.57 17.77
CA THR A 231 -23.79 13.40 18.24
C THR A 231 -23.86 12.28 17.22
N TYR A 232 -24.66 12.50 16.19
CA TYR A 232 -24.85 11.51 15.16
C TYR A 232 -24.38 12.18 13.90
N VAL A 233 -24.31 11.44 12.81
CA VAL A 233 -23.84 12.04 11.58
C VAL A 233 -24.86 11.79 10.48
N THR A 234 -25.12 12.80 9.67
CA THR A 234 -26.17 12.71 8.68
C THR A 234 -25.74 12.84 7.26
N GLN A 235 -26.71 12.70 6.39
CA GLN A 235 -26.45 12.64 4.99
C GLN A 235 -25.90 13.95 4.52
N GLU A 236 -26.41 15.01 5.12
CA GLU A 236 -26.03 16.35 4.70
C GLU A 236 -24.57 16.59 4.99
N ASP A 237 -24.14 16.13 6.13
CA ASP A 237 -22.73 16.20 6.50
C ASP A 237 -21.86 15.54 5.42
N PHE A 238 -22.30 14.36 4.95
CA PHE A 238 -21.55 13.63 3.93
C PHE A 238 -21.61 14.33 2.57
N LEU A 239 -22.78 14.89 2.24
CA LEU A 239 -22.92 15.65 1.00
C LEU A 239 -21.93 16.81 0.93
N LYS A 240 -21.67 17.46 2.07
CA LYS A 240 -20.70 18.58 2.10
C LYS A 240 -19.26 18.11 2.27
N ALA A 241 -19.07 16.99 2.97
CA ALA A 241 -17.72 16.39 3.04
C ALA A 241 -17.30 15.93 1.64
N VAL A 242 -18.24 15.36 0.89
CA VAL A 242 -17.94 15.01 -0.49
C VAL A 242 -17.58 16.27 -1.28
N ASP A 243 -18.29 17.36 -1.02
CA ASP A 243 -18.02 18.61 -1.73
C ASP A 243 -16.71 19.24 -1.27
N LYS A 244 -16.34 19.05 0.00
CA LYS A 244 -15.08 19.57 0.51
C LYS A 244 -13.87 18.80 -0.04
N VAL A 245 -13.83 17.51 0.25
CA VAL A 245 -12.73 16.65 -0.16
C VAL A 245 -12.51 16.65 -1.66
N LEU A 246 -13.57 16.41 -2.42
CA LEU A 246 -13.47 16.47 -3.86
C LEU A 246 -13.88 17.84 -4.29
N GLY A 247 -13.79 18.13 -5.58
CA GLY A 247 -14.24 19.41 -6.09
C GLY A 247 -13.18 20.48 -6.05
N ASN A 248 -13.33 21.45 -6.94
CA ASN A 248 -12.36 22.52 -7.13
C ASN A 248 -11.69 23.01 -5.87
N GLU A 249 -12.49 23.52 -4.94
CA GLU A 249 -11.97 24.10 -3.70
C GLU A 249 -10.70 23.58 -3.05
N ARG A 250 -10.63 22.27 -2.88
CA ARG A 250 -9.41 21.54 -2.52
C ARG A 250 -8.55 21.29 -3.75
N LYS A 251 -9.16 21.38 -4.92
CA LYS A 251 -8.44 21.24 -6.18
C LYS A 251 -7.47 22.40 -6.35
N LEU A 252 -8.01 23.61 -6.33
CA LEU A 252 -7.19 24.80 -6.55
C LEU A 252 -6.09 24.87 -5.50
N LEU A 253 -6.42 24.46 -4.29
CA LEU A 253 -5.44 24.48 -3.23
C LEU A 253 -4.22 23.67 -3.66
N GLN A 254 -4.47 22.47 -4.19
CA GLN A 254 -3.39 21.61 -4.64
C GLN A 254 -2.57 22.27 -5.74
N GLN A 255 -3.25 22.95 -6.65
CA GLN A 255 -2.56 23.65 -7.71
C GLN A 255 -1.80 24.82 -7.11
N ILE A 256 -2.11 25.11 -5.85
CA ILE A 256 -1.59 26.28 -5.18
C ILE A 256 -0.46 25.94 -4.22
N THR A 257 -0.42 24.71 -3.76
CA THR A 257 0.59 24.30 -2.82
C THR A 257 1.21 22.98 -3.23
#